data_1YMG
#
_entry.id   1YMG
#
_cell.length_a   110.531
_cell.length_b   110.531
_cell.length_c   53.390
_cell.angle_alpha   90.00
_cell.angle_beta   90.00
_cell.angle_gamma   90.00
#
_symmetry.space_group_name_H-M   'P 4 21 2'
#
loop_
_entity.id
_entity.type
_entity.pdbx_description
1 polymer 'Lens fiber major intrinsic protein'
2 non-polymer 'nonyl beta-D-glucopyranoside'
3 water water
#
_entity_poly.entity_id   1
_entity_poly.type   'polypeptide(L)'
_entity_poly.pdbx_seq_one_letter_code
;MWELRSASFWRAICAEFFASLFYVFFGLGASLRWAPGPLHVLQVALAFGLALATLVQAVGHISGAHVNPAVTFAFLVGSQ
MSLLRAICYMVAQLLGAVAGAAVLYSVTPPAVRGNLALNTLHPGVSVGQATIVEIFLTLQFVLCIFATYDERRNGRLGSV
ALAVGFSLTLGHLFGMYYTGAGMNPARSFAPAILTRNFTNHWVYWVGPVIGAGLGSLLYDFLLFPRLKSVSERLSILKGS
RPSESNGQPEVTGEPVELKTQAL
;
_entity_poly.pdbx_strand_id   A
#
# COMPACT_ATOMS: atom_id res chain seq x y z
N SER A 6 -0.24 -18.21 -18.70
CA SER A 6 -1.70 -18.59 -18.78
C SER A 6 -2.59 -17.41 -18.39
N ALA A 7 -3.89 -17.64 -18.43
CA ALA A 7 -4.88 -16.64 -18.06
C ALA A 7 -4.77 -16.44 -16.56
N SER A 8 -3.96 -17.28 -15.92
CA SER A 8 -3.73 -17.22 -14.49
C SER A 8 -2.74 -16.08 -14.22
N PHE A 9 -2.74 -15.11 -15.12
CA PHE A 9 -1.85 -13.96 -14.99
C PHE A 9 -2.65 -12.68 -15.21
N TRP A 10 -3.54 -12.72 -16.20
CA TRP A 10 -4.37 -11.56 -16.51
C TRP A 10 -5.49 -11.41 -15.49
N ARG A 11 -5.83 -12.49 -14.81
CA ARG A 11 -6.87 -12.45 -13.80
C ARG A 11 -6.31 -11.67 -12.61
N ALA A 12 -5.04 -11.91 -12.31
CA ALA A 12 -4.36 -11.26 -11.22
C ALA A 12 -4.23 -9.76 -11.48
N ILE A 13 -3.86 -9.41 -12.70
CA ILE A 13 -3.72 -8.01 -13.07
C ILE A 13 -5.07 -7.34 -12.86
N CYS A 14 -6.13 -8.05 -13.21
CA CYS A 14 -7.48 -7.55 -13.05
C CYS A 14 -7.79 -7.43 -11.57
N ALA A 15 -7.33 -8.41 -10.80
CA ALA A 15 -7.54 -8.41 -9.36
C ALA A 15 -6.90 -7.15 -8.77
N GLU A 16 -5.65 -6.88 -9.15
CA GLU A 16 -4.94 -5.71 -8.67
C GLU A 16 -5.58 -4.39 -9.10
N PHE A 17 -6.22 -4.38 -10.26
CA PHE A 17 -6.86 -3.16 -10.73
C PHE A 17 -8.11 -2.86 -9.90
N PHE A 18 -9.03 -3.82 -9.84
CA PHE A 18 -10.27 -3.63 -9.08
C PHE A 18 -10.04 -3.40 -7.60
N ALA A 19 -9.14 -4.18 -7.00
CA ALA A 19 -8.84 -4.03 -5.59
C ALA A 19 -8.30 -2.64 -5.27
N SER A 20 -7.49 -2.10 -6.17
CA SER A 20 -6.91 -0.77 -5.97
C SER A 20 -7.96 0.31 -6.08
N LEU A 21 -8.90 0.12 -6.99
CA LEU A 21 -9.99 1.06 -7.19
C LEU A 21 -10.84 1.07 -5.92
N PHE A 22 -11.11 -0.11 -5.37
CA PHE A 22 -11.91 -0.25 -4.15
C PHE A 22 -11.18 0.36 -2.95
N TYR A 23 -9.92 -0.01 -2.81
CA TYR A 23 -9.07 0.47 -1.73
C TYR A 23 -9.07 2.00 -1.64
N VAL A 24 -8.84 2.66 -2.77
CA VAL A 24 -8.81 4.11 -2.79
C VAL A 24 -10.20 4.71 -2.68
N PHE A 25 -11.16 4.11 -3.36
CA PHE A 25 -12.54 4.60 -3.30
C PHE A 25 -13.04 4.63 -1.86
N PHE A 26 -12.93 3.49 -1.17
CA PHE A 26 -13.39 3.44 0.23
C PHE A 26 -12.45 4.18 1.17
N GLY A 27 -11.15 4.07 0.94
CA GLY A 27 -10.19 4.73 1.81
C GLY A 27 -10.34 6.24 1.81
N LEU A 28 -10.29 6.83 0.62
CA LEU A 28 -10.43 8.28 0.49
C LEU A 28 -11.82 8.72 0.93
N GLY A 29 -12.84 8.02 0.45
CA GLY A 29 -14.20 8.36 0.80
C GLY A 29 -14.41 8.51 2.30
N ALA A 30 -13.82 7.60 3.08
CA ALA A 30 -13.96 7.65 4.53
C ALA A 30 -13.15 8.79 5.15
N SER A 31 -12.16 9.31 4.42
CA SER A 31 -11.34 10.39 4.94
C SER A 31 -11.88 11.81 4.70
N LEU A 32 -12.91 11.95 3.89
CA LEU A 32 -13.47 13.28 3.61
C LEU A 32 -13.94 13.97 4.89
N ARG A 33 -13.68 15.28 4.97
CA ARG A 33 -14.03 16.16 6.11
C ARG A 33 -12.76 16.73 6.74
N TRP A 34 -12.67 16.69 8.08
CA TRP A 34 -11.51 17.17 8.79
C TRP A 34 -11.34 16.44 10.13
N ALA A 35 -10.71 17.11 11.08
CA ALA A 35 -10.46 16.56 12.42
C ALA A 35 -9.26 15.62 12.42
N GLY A 37 -7.92 14.91 15.61
CA GLY A 37 -8.85 14.33 16.56
C GLY A 37 -8.82 12.81 16.58
N PRO A 38 -8.93 12.20 17.77
CA PRO A 38 -8.92 10.74 17.89
C PRO A 38 -9.95 10.14 16.95
N LEU A 39 -11.21 10.49 17.19
CA LEU A 39 -12.35 10.05 16.40
C LEU A 39 -11.99 9.94 14.92
N HIS A 40 -11.54 11.05 14.35
CA HIS A 40 -11.16 11.11 12.94
C HIS A 40 -10.12 10.05 12.60
N VAL A 41 -8.97 10.12 13.27
CA VAL A 41 -7.89 9.19 13.04
C VAL A 41 -8.35 7.74 13.22
N LEU A 42 -8.96 7.45 14.37
CA LEU A 42 -9.44 6.10 14.68
C LEU A 42 -10.27 5.56 13.54
N GLN A 43 -11.25 6.35 13.12
CA GLN A 43 -12.18 5.98 12.06
C GLN A 43 -11.52 5.77 10.71
N VAL A 44 -10.61 6.67 10.34
CA VAL A 44 -9.92 6.55 9.07
C VAL A 44 -8.91 5.39 9.11
N ALA A 45 -8.29 5.19 10.27
CA ALA A 45 -7.32 4.11 10.43
C ALA A 45 -8.03 2.79 10.21
N LEU A 46 -9.18 2.63 10.85
CA LEU A 46 -9.96 1.40 10.71
C LEU A 46 -10.48 1.24 9.29
N ALA A 47 -10.93 2.32 8.67
CA ALA A 47 -11.44 2.24 7.30
C ALA A 47 -10.40 1.70 6.32
N PHE A 48 -9.20 2.29 6.29
CA PHE A 48 -8.17 1.79 5.38
C PHE A 48 -7.82 0.34 5.76
N GLY A 49 -7.64 0.11 7.06
CA GLY A 49 -7.30 -1.22 7.54
C GLY A 49 -8.29 -2.29 7.13
N LEU A 50 -9.57 -2.03 7.34
CA LEU A 50 -10.59 -3.01 6.98
C LEU A 50 -10.77 -3.08 5.47
N ALA A 51 -10.46 -1.99 4.76
CA ALA A 51 -10.56 -2.02 3.31
C ALA A 51 -9.55 -3.07 2.84
N LEU A 52 -8.30 -2.96 3.31
CA LEU A 52 -7.26 -3.89 2.92
C LEU A 52 -7.55 -5.33 3.35
N ALA A 53 -7.95 -5.54 4.61
CA ALA A 53 -8.25 -6.87 5.10
C ALA A 53 -9.31 -7.51 4.23
N THR A 54 -10.31 -6.72 3.88
CA THR A 54 -11.39 -7.18 3.02
C THR A 54 -10.84 -7.57 1.64
N LEU A 55 -10.08 -6.66 1.02
CA LEU A 55 -9.52 -6.90 -0.30
C LEU A 55 -8.50 -8.04 -0.34
N VAL A 56 -7.76 -8.22 0.76
CA VAL A 56 -6.78 -9.30 0.81
C VAL A 56 -7.53 -10.64 0.85
N GLN A 57 -8.70 -10.67 1.47
CA GLN A 57 -9.49 -11.92 1.51
C GLN A 57 -10.09 -12.10 0.13
N ALA A 58 -10.54 -11.00 -0.46
CA ALA A 58 -11.18 -11.04 -1.77
C ALA A 58 -10.31 -11.52 -2.94
N VAL A 59 -9.05 -11.11 -2.98
CA VAL A 59 -8.17 -11.49 -4.09
C VAL A 59 -6.74 -11.89 -3.72
N GLY A 60 -6.49 -12.10 -2.44
CA GLY A 60 -5.15 -12.48 -2.00
C GLY A 60 -4.72 -13.82 -2.56
N HIS A 61 -5.70 -14.69 -2.81
CA HIS A 61 -5.41 -16.00 -3.36
C HIS A 61 -5.25 -15.91 -4.87
N ILE A 62 -5.70 -14.81 -5.46
CA ILE A 62 -5.61 -14.65 -6.91
C ILE A 62 -4.39 -13.87 -7.40
N SER A 63 -4.03 -12.79 -6.71
CA SER A 63 -2.87 -12.00 -7.14
C SER A 63 -1.92 -11.73 -5.99
N GLY A 64 -2.32 -12.13 -4.80
CA GLY A 64 -1.50 -11.88 -3.63
C GLY A 64 -1.91 -10.55 -3.02
N ALA A 65 -2.89 -9.90 -3.66
CA ALA A 65 -3.41 -8.62 -3.21
C ALA A 65 -2.35 -7.64 -2.74
N HIS A 66 -1.55 -7.14 -3.68
CA HIS A 66 -0.51 -6.18 -3.38
C HIS A 66 -1.19 -4.82 -3.22
N VAL A 67 -2.01 -4.47 -4.22
CA VAL A 67 -2.76 -3.21 -4.25
C VAL A 67 -1.89 -2.06 -3.78
N ASN A 68 -0.58 -2.17 -3.99
CA ASN A 68 0.34 -1.16 -3.52
C ASN A 68 1.68 -1.30 -4.23
N PRO A 69 2.11 -0.25 -4.94
CA PRO A 69 3.38 -0.25 -5.67
C PRO A 69 4.59 -0.54 -4.79
N ALA A 70 4.65 0.10 -3.64
CA ALA A 70 5.75 -0.12 -2.71
C ALA A 70 5.74 -1.58 -2.24
N VAL A 71 4.55 -2.15 -2.07
CA VAL A 71 4.43 -3.55 -1.65
C VAL A 71 4.93 -4.46 -2.76
N THR A 72 4.50 -4.17 -4.00
CA THR A 72 4.93 -4.96 -5.15
C THR A 72 6.45 -4.84 -5.33
N PHE A 73 6.97 -3.63 -5.15
CA PHE A 73 8.40 -3.40 -5.26
C PHE A 73 9.14 -4.27 -4.26
N ALA A 74 8.54 -4.43 -3.09
CA ALA A 74 9.12 -5.24 -2.03
C ALA A 74 9.29 -6.68 -2.51
N PHE A 75 8.24 -7.21 -3.15
CA PHE A 75 8.27 -8.57 -3.65
C PHE A 75 9.20 -8.74 -4.86
N LEU A 76 9.51 -7.65 -5.55
CA LEU A 76 10.39 -7.71 -6.70
C LEU A 76 11.81 -7.93 -6.19
N VAL A 77 12.27 -7.01 -5.35
CA VAL A 77 13.62 -7.11 -4.79
C VAL A 77 13.71 -8.34 -3.89
N GLY A 78 12.55 -8.89 -3.53
CA GLY A 78 12.53 -10.06 -2.69
C GLY A 78 12.59 -11.29 -3.57
N SER A 79 12.70 -11.05 -4.87
CA SER A 79 12.78 -12.10 -5.88
C SER A 79 11.62 -13.07 -5.72
N GLN A 80 10.40 -12.55 -5.65
CA GLN A 80 9.24 -13.42 -5.52
C GLN A 80 8.29 -13.24 -6.69
N MET A 81 8.61 -12.29 -7.57
CA MET A 81 7.78 -12.05 -8.75
C MET A 81 8.71 -11.59 -9.88
N SER A 82 8.23 -11.69 -11.12
CA SER A 82 9.04 -11.28 -12.26
C SER A 82 8.94 -9.78 -12.47
N LEU A 83 9.91 -9.23 -13.20
CA LEU A 83 9.94 -7.81 -13.47
C LEU A 83 8.73 -7.45 -14.34
N LEU A 84 8.26 -8.41 -15.11
CA LEU A 84 7.11 -8.19 -15.98
C LEU A 84 5.83 -8.08 -15.19
N ARG A 85 5.67 -8.94 -14.18
CA ARG A 85 4.47 -8.93 -13.35
C ARG A 85 4.44 -7.66 -12.51
N ALA A 86 5.59 -7.34 -11.92
CA ALA A 86 5.71 -6.15 -11.07
C ALA A 86 5.24 -4.89 -11.79
N ILE A 87 5.74 -4.69 -13.01
CA ILE A 87 5.39 -3.51 -13.79
C ILE A 87 3.88 -3.44 -14.06
N CYS A 88 3.30 -4.56 -14.47
CA CYS A 88 1.88 -4.60 -14.75
C CYS A 88 1.07 -4.36 -13.48
N TYR A 89 1.48 -5.00 -12.38
CA TYR A 89 0.79 -4.82 -11.10
C TYR A 89 0.75 -3.33 -10.78
N MET A 90 1.92 -2.70 -10.79
CA MET A 90 2.01 -1.28 -10.49
C MET A 90 1.22 -0.44 -11.47
N VAL A 91 1.14 -0.88 -12.72
CA VAL A 91 0.39 -0.14 -13.72
C VAL A 91 -1.09 -0.26 -13.42
N ALA A 92 -1.53 -1.48 -13.12
CA ALA A 92 -2.92 -1.73 -12.79
C ALA A 92 -3.33 -1.00 -11.51
N GLN A 93 -2.38 -0.91 -10.56
CA GLN A 93 -2.61 -0.26 -9.27
C GLN A 93 -2.78 1.25 -9.40
N LEU A 94 -2.03 1.85 -10.32
CA LEU A 94 -2.10 3.28 -10.55
C LEU A 94 -3.39 3.67 -11.28
N LEU A 95 -3.76 2.88 -12.29
CA LEU A 95 -4.98 3.15 -13.03
C LEU A 95 -6.18 2.87 -12.13
N GLY A 96 -6.11 1.76 -11.40
CA GLY A 96 -7.20 1.40 -10.49
C GLY A 96 -7.43 2.49 -9.45
N ALA A 97 -6.35 2.97 -8.84
CA ALA A 97 -6.44 4.01 -7.83
C ALA A 97 -7.12 5.26 -8.40
N VAL A 98 -6.56 5.79 -9.49
CA VAL A 98 -7.10 6.97 -10.15
C VAL A 98 -8.59 6.77 -10.44
N ALA A 99 -8.94 5.58 -10.92
CA ALA A 99 -10.33 5.28 -11.22
C ALA A 99 -11.20 5.35 -9.96
N GLY A 100 -10.69 4.79 -8.86
CA GLY A 100 -11.43 4.82 -7.61
C GLY A 100 -11.65 6.24 -7.14
N ALA A 101 -10.62 7.06 -7.22
CA ALA A 101 -10.71 8.45 -6.80
C ALA A 101 -11.69 9.19 -7.72
N ALA A 102 -11.67 8.82 -9.00
CA ALA A 102 -12.53 9.42 -10.01
C ALA A 102 -14.00 9.11 -9.69
N VAL A 103 -14.30 7.82 -9.53
CA VAL A 103 -15.65 7.38 -9.21
C VAL A 103 -16.12 8.00 -7.90
N LEU A 104 -15.18 8.18 -6.97
CA LEU A 104 -15.48 8.75 -5.65
C LEU A 104 -15.88 10.21 -5.83
N TYR A 105 -15.17 10.91 -6.70
CA TYR A 105 -15.43 12.31 -6.98
C TYR A 105 -16.82 12.48 -7.61
N SER A 106 -17.16 11.55 -8.51
CA SER A 106 -18.44 11.61 -9.22
C SER A 106 -19.68 11.40 -8.35
N VAL A 107 -19.53 10.73 -7.21
CA VAL A 107 -20.68 10.49 -6.37
C VAL A 107 -20.64 11.28 -5.06
N THR A 108 -19.58 12.07 -4.89
CA THR A 108 -19.45 12.85 -3.67
C THR A 108 -19.85 14.31 -3.83
N PRO A 109 -20.60 14.83 -2.86
CA PRO A 109 -21.05 16.22 -2.91
C PRO A 109 -19.89 17.17 -2.76
N PRO A 110 -19.87 18.26 -3.54
CA PRO A 110 -18.76 19.20 -3.39
C PRO A 110 -18.80 19.73 -1.96
N ALA A 111 -17.90 20.63 -1.61
CA ALA A 111 -17.88 21.16 -0.25
C ALA A 111 -17.35 20.09 0.69
N VAL A 112 -17.74 18.84 0.45
CA VAL A 112 -17.27 17.72 1.26
C VAL A 112 -16.08 17.07 0.57
N ARG A 113 -15.97 17.30 -0.73
CA ARG A 113 -14.88 16.74 -1.52
C ARG A 113 -13.50 17.16 -1.04
N GLY A 114 -13.35 18.41 -0.65
CA GLY A 114 -12.06 18.88 -0.19
C GLY A 114 -11.00 18.64 -1.26
N ASN A 115 -9.87 18.09 -0.84
CA ASN A 115 -8.77 17.78 -1.77
C ASN A 115 -8.71 16.27 -2.02
N LEU A 116 -9.84 15.61 -1.83
CA LEU A 116 -9.95 14.16 -2.02
C LEU A 116 -8.97 13.37 -1.16
N ALA A 117 -8.79 13.80 0.09
CA ALA A 117 -7.93 13.15 1.06
C ALA A 117 -6.46 13.03 0.63
N LEU A 118 -5.95 14.08 0.01
CA LEU A 118 -4.56 14.10 -0.44
C LEU A 118 -3.59 13.99 0.73
N ASN A 119 -2.58 13.14 0.62
CA ASN A 119 -1.60 12.98 1.69
C ASN A 119 -0.89 14.32 1.84
N THR A 120 -0.83 14.82 3.08
CA THR A 120 -0.24 16.11 3.38
C THR A 120 0.63 16.12 4.64
N LEU A 121 1.70 16.92 4.62
CA LEU A 121 2.60 17.04 5.77
C LEU A 121 2.05 18.02 6.81
N HIS A 122 2.44 17.81 8.08
CA HIS A 122 2.05 18.67 9.19
C HIS A 122 3.00 19.88 9.14
N PRO A 123 2.46 21.12 9.29
CA PRO A 123 3.26 22.34 9.25
C PRO A 123 4.60 22.25 10.00
N GLY A 124 4.59 21.57 11.14
CA GLY A 124 5.79 21.44 11.93
C GLY A 124 6.68 20.25 11.62
N VAL A 125 6.36 19.53 10.55
CA VAL A 125 7.16 18.37 10.16
C VAL A 125 7.93 18.62 8.86
N SER A 126 9.25 18.54 8.91
CA SER A 126 10.09 18.75 7.71
C SER A 126 9.86 17.60 6.76
N VAL A 127 10.17 17.79 5.48
CA VAL A 127 9.98 16.70 4.52
C VAL A 127 10.93 15.56 4.86
N GLY A 128 12.04 15.90 5.52
CA GLY A 128 12.99 14.89 5.90
C GLY A 128 12.41 13.99 6.97
N GLN A 129 11.80 14.61 7.98
CA GLN A 129 11.19 13.86 9.06
C GLN A 129 10.00 13.09 8.52
N ALA A 130 9.30 13.69 7.56
CA ALA A 130 8.13 13.08 6.95
C ALA A 130 8.52 11.85 6.12
N THR A 131 9.69 11.90 5.50
CA THR A 131 10.16 10.78 4.70
C THR A 131 10.55 9.63 5.61
N ILE A 132 11.10 9.97 6.76
CA ILE A 132 11.51 8.95 7.73
C ILE A 132 10.26 8.31 8.35
N VAL A 133 9.21 9.11 8.53
CA VAL A 133 7.97 8.58 9.09
C VAL A 133 7.38 7.58 8.10
N GLU A 134 7.19 8.01 6.86
CA GLU A 134 6.63 7.14 5.84
C GLU A 134 7.46 5.86 5.71
N ILE A 135 8.77 5.98 5.90
CA ILE A 135 9.64 4.82 5.80
C ILE A 135 9.31 3.81 6.91
N PHE A 136 9.31 4.27 8.16
CA PHE A 136 8.99 3.38 9.27
C PHE A 136 7.59 2.75 9.13
N LEU A 137 6.60 3.54 8.72
CA LEU A 137 5.25 3.05 8.52
C LEU A 137 5.23 1.90 7.53
N THR A 138 5.82 2.12 6.36
CA THR A 138 5.85 1.11 5.32
C THR A 138 6.75 -0.07 5.68
N LEU A 139 7.78 0.18 6.48
CA LEU A 139 8.69 -0.88 6.91
C LEU A 139 8.00 -1.94 7.80
N GLN A 140 7.31 -1.51 8.85
CA GLN A 140 6.63 -2.47 9.73
C GLN A 140 5.49 -3.12 8.94
N PHE A 141 4.94 -2.36 8.00
CA PHE A 141 3.86 -2.86 7.17
C PHE A 141 4.32 -4.00 6.27
N VAL A 142 5.39 -3.78 5.51
CA VAL A 142 5.91 -4.80 4.60
C VAL A 142 6.44 -6.00 5.39
N LEU A 143 7.03 -5.71 6.55
CA LEU A 143 7.57 -6.74 7.39
C LEU A 143 6.46 -7.70 7.81
N CYS A 144 5.29 -7.15 8.12
CA CYS A 144 4.13 -7.96 8.52
C CYS A 144 3.60 -8.75 7.34
N ILE A 145 3.65 -8.14 6.15
CA ILE A 145 3.19 -8.80 4.96
C ILE A 145 4.09 -10.02 4.64
N PHE A 146 5.39 -9.79 4.58
CA PHE A 146 6.33 -10.87 4.29
C PHE A 146 6.21 -12.01 5.30
N ALA A 147 6.27 -11.68 6.59
CA ALA A 147 6.17 -12.69 7.63
C ALA A 147 4.89 -13.52 7.55
N THR A 148 3.74 -12.87 7.34
CA THR A 148 2.46 -13.58 7.27
C THR A 148 2.17 -14.31 5.95
N TYR A 149 2.87 -13.93 4.89
CA TYR A 149 2.69 -14.57 3.59
C TYR A 149 3.63 -15.77 3.47
N ASP A 150 4.67 -15.75 4.30
CA ASP A 150 5.69 -16.80 4.32
C ASP A 150 5.07 -18.18 4.57
N GLU A 151 5.11 -19.04 3.56
CA GLU A 151 4.54 -20.37 3.68
C GLU A 151 5.29 -21.22 4.70
N ARG A 152 6.53 -20.86 4.97
CA ARG A 152 7.34 -21.61 5.90
C ARG A 152 6.93 -21.51 7.36
N ARG A 153 5.83 -20.81 7.67
CA ARG A 153 5.44 -20.69 9.07
C ARG A 153 3.97 -20.75 9.47
N ASN A 154 3.78 -20.90 10.78
CA ASN A 154 2.51 -20.96 11.51
C ASN A 154 1.23 -21.60 11.00
N GLY A 155 0.59 -22.32 11.91
CA GLY A 155 -0.68 -22.97 11.67
C GLY A 155 -1.56 -22.29 12.70
N ARG A 156 -1.01 -21.22 13.27
CA ARG A 156 -1.65 -20.41 14.30
C ARG A 156 -1.63 -18.93 13.89
N LEU A 157 -1.59 -18.66 12.60
CA LEU A 157 -1.56 -17.29 12.10
C LEU A 157 -2.91 -16.61 12.20
N GLY A 158 -3.97 -17.38 11.98
CA GLY A 158 -5.31 -16.83 11.97
C GLY A 158 -5.48 -16.24 10.59
N SER A 159 -6.19 -15.13 10.47
CA SER A 159 -6.39 -14.47 9.18
C SER A 159 -5.22 -13.53 8.86
N VAL A 160 -4.48 -13.84 7.79
CA VAL A 160 -3.37 -12.98 7.40
C VAL A 160 -3.95 -11.70 6.82
N ALA A 161 -5.14 -11.81 6.23
CA ALA A 161 -5.81 -10.66 5.66
C ALA A 161 -5.99 -9.59 6.75
N LEU A 162 -6.49 -9.99 7.92
CA LEU A 162 -6.70 -9.06 9.02
C LEU A 162 -5.39 -8.56 9.64
N ALA A 163 -4.41 -9.44 9.76
CA ALA A 163 -3.12 -9.04 10.32
C ALA A 163 -2.53 -7.86 9.55
N VAL A 164 -2.52 -7.99 8.23
CA VAL A 164 -1.98 -6.96 7.36
C VAL A 164 -2.86 -5.70 7.43
N GLY A 165 -4.17 -5.90 7.46
CA GLY A 165 -5.09 -4.77 7.56
C GLY A 165 -4.82 -3.99 8.84
N PHE A 166 -4.71 -4.69 9.97
CA PHE A 166 -4.44 -4.02 11.23
C PHE A 166 -3.07 -3.37 11.27
N SER A 167 -2.13 -3.88 10.46
CA SER A 167 -0.81 -3.29 10.38
C SER A 167 -0.99 -1.92 9.70
N LEU A 168 -1.83 -1.89 8.67
CA LEU A 168 -2.11 -0.64 7.96
C LEU A 168 -2.83 0.34 8.89
N THR A 169 -3.73 -0.18 9.72
CA THR A 169 -4.47 0.67 10.66
C THR A 169 -3.48 1.29 11.64
N LEU A 170 -2.55 0.48 12.15
CA LEU A 170 -1.54 0.96 13.09
C LEU A 170 -0.70 2.05 12.43
N GLY A 171 -0.42 1.88 11.14
CA GLY A 171 0.36 2.87 10.41
C GLY A 171 -0.37 4.21 10.40
N HIS A 172 -1.69 4.16 10.30
CA HIS A 172 -2.50 5.37 10.29
C HIS A 172 -2.68 5.97 11.67
N LEU A 173 -2.91 5.13 12.68
CA LEU A 173 -3.11 5.64 14.04
C LEU A 173 -1.92 6.49 14.47
N PHE A 174 -0.74 6.14 13.98
CA PHE A 174 0.46 6.90 14.31
C PHE A 174 0.75 7.99 13.29
N GLY A 175 0.82 7.59 12.03
CA GLY A 175 1.16 8.51 10.94
C GLY A 175 0.27 9.66 10.49
N MET A 176 -1.04 9.48 10.46
CA MET A 176 -1.93 10.53 10.00
C MET A 176 -1.59 11.93 10.54
N TYR A 177 -1.13 11.99 11.78
CA TYR A 177 -0.76 13.25 12.41
C TYR A 177 0.45 13.90 11.75
N TYR A 178 1.33 13.08 11.20
CA TYR A 178 2.54 13.55 10.55
C TYR A 178 2.39 13.81 9.06
N THR A 179 2.00 12.78 8.33
CA THR A 179 1.89 12.86 6.89
C THR A 179 0.55 12.42 6.31
N GLY A 180 -0.42 12.18 7.17
CA GLY A 180 -1.71 11.71 6.69
C GLY A 180 -1.60 10.22 6.42
N ALA A 181 -0.38 9.69 6.55
CA ALA A 181 -0.08 8.28 6.33
C ALA A 181 -0.33 7.86 4.89
N GLY A 182 0.74 7.79 4.10
CA GLY A 182 0.61 7.37 2.73
C GLY A 182 0.75 5.85 2.63
N MET A 183 1.94 5.37 2.96
CA MET A 183 2.24 3.94 2.94
C MET A 183 1.90 3.28 1.61
N ASN A 184 1.54 4.08 0.61
CA ASN A 184 1.12 3.53 -0.68
C ASN A 184 1.15 4.60 -1.78
N PRO A 185 2.15 4.55 -2.66
CA PRO A 185 2.34 5.50 -3.77
C PRO A 185 1.06 5.70 -4.60
N ALA A 186 0.41 4.60 -4.96
CA ALA A 186 -0.82 4.67 -5.75
C ALA A 186 -1.93 5.39 -5.00
N ARG A 187 -2.07 5.10 -3.72
CA ARG A 187 -3.11 5.76 -2.93
C ARG A 187 -2.82 7.27 -2.81
N SER A 188 -1.54 7.64 -2.80
CA SER A 188 -1.16 9.06 -2.71
C SER A 188 -1.31 9.73 -4.07
N PHE A 189 -0.89 9.02 -5.11
CA PHE A 189 -0.93 9.51 -6.48
C PHE A 189 -2.30 9.92 -7.02
N ALA A 190 -3.32 9.07 -6.80
CA ALA A 190 -4.67 9.33 -7.29
C ALA A 190 -5.23 10.69 -6.89
N PRO A 191 -5.09 11.06 -5.61
CA PRO A 191 -5.61 12.35 -5.16
C PRO A 191 -4.81 13.50 -5.76
N ALA A 192 -3.51 13.27 -5.93
CA ALA A 192 -2.59 14.28 -6.47
C ALA A 192 -2.83 14.57 -7.95
N ILE A 193 -2.95 13.53 -8.76
CA ILE A 193 -3.15 13.71 -10.19
C ILE A 193 -4.50 14.35 -10.51
N LEU A 194 -5.50 14.15 -9.67
CA LEU A 194 -6.82 14.73 -9.93
C LEU A 194 -7.03 16.13 -9.33
N THR A 195 -6.22 16.49 -8.34
CA THR A 195 -6.34 17.81 -7.74
C THR A 195 -5.22 18.69 -8.26
N ARG A 196 -4.40 18.13 -9.15
CA ARG A 196 -3.30 18.84 -9.75
C ARG A 196 -2.39 19.45 -8.70
N ASN A 197 -2.15 18.72 -7.61
CA ASN A 197 -1.29 19.20 -6.56
C ASN A 197 -0.24 18.18 -6.18
N PHE A 198 0.98 18.37 -6.68
CA PHE A 198 2.06 17.45 -6.39
C PHE A 198 3.03 17.98 -5.35
N THR A 199 2.53 18.88 -4.51
CA THR A 199 3.35 19.45 -3.45
C THR A 199 3.80 18.33 -2.49
N ASN A 200 5.09 18.29 -2.20
CA ASN A 200 5.67 17.28 -1.31
C ASN A 200 5.38 15.83 -1.72
N HIS A 201 4.84 15.62 -2.91
CA HIS A 201 4.49 14.28 -3.36
C HIS A 201 5.66 13.30 -3.32
N TRP A 202 6.87 13.83 -3.40
CA TRP A 202 8.10 13.02 -3.37
C TRP A 202 8.15 12.15 -2.12
N VAL A 203 7.68 12.69 -1.00
CA VAL A 203 7.67 11.97 0.26
C VAL A 203 6.89 10.65 0.17
N TYR A 204 5.74 10.72 -0.49
CA TYR A 204 4.85 9.58 -0.62
C TYR A 204 5.23 8.50 -1.61
N TRP A 205 6.36 8.67 -2.28
CA TRP A 205 6.87 7.66 -3.21
C TRP A 205 8.16 7.16 -2.58
N VAL A 206 8.97 8.10 -2.10
CA VAL A 206 10.26 7.80 -1.48
C VAL A 206 10.19 7.04 -0.15
N GLY A 207 9.38 7.52 0.79
CA GLY A 207 9.26 6.85 2.06
C GLY A 207 8.89 5.38 1.91
N PRO A 208 7.70 5.08 1.34
CA PRO A 208 7.21 3.71 1.14
C PRO A 208 8.19 2.80 0.40
N VAL A 209 8.71 3.27 -0.73
CA VAL A 209 9.66 2.47 -1.51
C VAL A 209 10.86 2.09 -0.64
N ILE A 210 11.45 3.07 0.04
CA ILE A 210 12.60 2.77 0.90
C ILE A 210 12.16 1.87 2.06
N GLY A 211 11.07 2.24 2.74
CA GLY A 211 10.59 1.41 3.85
C GLY A 211 10.32 -0.01 3.36
N ALA A 212 9.60 -0.10 2.24
CA ALA A 212 9.29 -1.40 1.68
C ALA A 212 10.59 -2.15 1.40
N GLY A 213 11.60 -1.42 0.92
CA GLY A 213 12.90 -2.02 0.64
C GLY A 213 13.62 -2.53 1.87
N LEU A 214 13.60 -1.74 2.94
CA LEU A 214 14.23 -2.13 4.19
C LEU A 214 13.48 -3.27 4.86
N GLY A 215 12.19 -3.37 4.59
CA GLY A 215 11.39 -4.43 5.19
C GLY A 215 11.75 -5.79 4.61
N SER A 216 11.75 -5.86 3.29
CA SER A 216 12.08 -7.07 2.56
C SER A 216 13.48 -7.53 2.94
N LEU A 217 14.44 -6.61 2.83
CA LEU A 217 15.83 -6.89 3.15
C LEU A 217 15.93 -7.42 4.58
N LEU A 218 15.35 -6.67 5.52
CA LEU A 218 15.38 -7.06 6.92
C LEU A 218 14.84 -8.47 7.14
N TYR A 219 13.76 -8.82 6.44
CA TYR A 219 13.17 -10.14 6.61
C TYR A 219 13.99 -11.24 5.93
N ASP A 220 14.07 -11.17 4.61
CA ASP A 220 14.79 -12.17 3.81
C ASP A 220 16.29 -12.30 4.05
N PHE A 221 16.95 -11.23 4.49
CA PHE A 221 18.39 -11.28 4.70
C PHE A 221 18.87 -11.10 6.13
N LEU A 222 18.07 -11.49 7.12
CA LEU A 222 18.49 -11.34 8.50
C LEU A 222 17.60 -12.01 9.54
N LEU A 223 16.30 -11.76 9.47
CA LEU A 223 15.37 -12.36 10.43
C LEU A 223 15.07 -13.82 10.17
N PHE A 224 14.61 -14.12 8.96
CA PHE A 224 14.29 -15.48 8.57
C PHE A 224 14.72 -15.58 7.11
N PRO A 225 16.04 -15.64 6.89
CA PRO A 225 16.65 -15.73 5.55
C PRO A 225 16.03 -16.75 4.60
N ARG A 226 15.67 -16.29 3.43
CA ARG A 226 15.12 -17.15 2.40
C ARG A 226 16.22 -17.08 1.35
N LEU A 227 17.21 -17.96 1.50
CA LEU A 227 18.36 -17.97 0.62
C LEU A 227 18.13 -18.49 -0.80
N LYS A 228 18.15 -17.56 -1.75
CA LYS A 228 17.98 -17.91 -3.16
C LYS A 228 19.35 -17.79 -3.82
N SER A 229 19.67 -18.72 -4.71
CA SER A 229 20.94 -18.68 -5.40
C SER A 229 20.82 -17.64 -6.52
N VAL A 230 21.93 -16.98 -6.84
CA VAL A 230 21.90 -15.98 -7.90
C VAL A 230 21.13 -16.55 -9.08
N SER A 231 21.27 -17.86 -9.27
CA SER A 231 20.58 -18.54 -10.36
C SER A 231 19.11 -18.13 -10.34
N GLU A 232 18.35 -18.72 -9.41
CA GLU A 232 16.94 -18.43 -9.27
C GLU A 232 16.58 -16.94 -9.26
N ARG A 233 17.34 -16.11 -8.56
CA ARG A 233 17.03 -14.68 -8.53
C ARG A 233 16.73 -14.18 -9.94
N LEU A 234 17.70 -14.29 -10.83
CA LEU A 234 17.51 -13.87 -12.22
C LEU A 234 16.42 -14.69 -12.89
N SER A 235 16.43 -16.00 -12.64
CA SER A 235 15.43 -16.88 -13.23
C SER A 235 14.02 -16.43 -12.86
N ILE A 236 13.89 -15.84 -11.67
CA ILE A 236 12.62 -15.35 -11.17
C ILE A 236 12.35 -13.97 -11.75
N LEU A 237 13.33 -13.08 -11.62
CA LEU A 237 13.21 -11.73 -12.14
C LEU A 237 12.93 -11.79 -13.64
N LYS A 238 12.94 -13.01 -14.17
CA LYS A 238 12.68 -13.25 -15.58
C LYS A 238 11.46 -14.15 -15.78
N GLY A 239 11.41 -15.24 -15.02
CA GLY A 239 10.29 -16.15 -15.14
C GLY A 239 10.50 -17.24 -16.16
#